data_5J7P
#
_entry.id   5J7P
#
_cell.length_a   95.629
_cell.length_b   95.629
_cell.length_c   103.497
_cell.angle_alpha   90.000
_cell.angle_beta   90.000
_cell.angle_gamma   120.000
#
_symmetry.space_group_name_H-M   'P 31 2 1'
#
loop_
_entity.id
_entity.type
_entity.pdbx_description
1 polymer 'Macrophage migration inhibitory factor'
2 non-polymer 6-{[4-(trifluoromethyl)phenyl]methyl}-2H-1,3-benzodioxol-5-ol
3 non-polymer 'SULFATE ION'
4 non-polymer 'ISOPROPYL ALCOHOL'
5 non-polymer GLYCEROL
6 water water
#
_entity_poly.entity_id   1
_entity_poly.type   'polypeptide(L)'
_entity_poly.pdbx_seq_one_letter_code
;PMFIVNTNVPRASVPDGFLSELTQQLAQATGKPPQYIAVHVVPDQLMAFGGSSEPCALCSLHSIGKIGGAQNRSYSKLLC
GLLAERLRISPDRVYINYYDMNAANVGWNNSTFA
;
_entity_poly.pdbx_strand_id   A,B,C
#
loop_
_chem_comp.id
_chem_comp.type
_chem_comp.name
_chem_comp.formula
6H1 non-polymer 6-{[4-(trifluoromethyl)phenyl]methyl}-2H-1,3-benzodioxol-5-ol 'C15 H11 F3 O3'
GOL non-polymer GLYCEROL 'C3 H8 O3'
IPA non-polymer 'ISOPROPYL ALCOHOL' 'C3 H8 O'
SO4 non-polymer 'SULFATE ION' 'O4 S -2'
#
# COMPACT_ATOMS: atom_id res chain seq x y z
N PRO A 1 4.50 11.86 9.16
CA PRO A 1 3.51 11.49 8.11
C PRO A 1 4.03 11.08 6.72
N MET A 2 3.24 10.21 6.08
CA MET A 2 3.53 9.68 4.78
C MET A 2 2.23 9.69 3.99
N PHE A 3 2.27 10.30 2.81
CA PHE A 3 1.10 10.37 1.94
C PHE A 3 1.41 9.69 0.61
N ILE A 4 0.53 8.77 0.20
CA ILE A 4 0.70 8.05 -1.06
C ILE A 4 -0.56 8.28 -1.90
N VAL A 5 -0.34 8.60 -3.18
N VAL A 5 -0.37 8.59 -3.17
CA VAL A 5 -1.42 8.72 -4.17
CA VAL A 5 -1.51 8.70 -4.07
C VAL A 5 -1.18 7.76 -5.30
C VAL A 5 -1.25 7.85 -5.32
N ASN A 6 -2.14 6.89 -5.57
CA ASN A 6 -2.14 6.07 -6.78
C ASN A 6 -3.28 6.57 -7.68
N THR A 7 -2.99 6.76 -8.96
CA THR A 7 -3.99 7.34 -9.85
C THR A 7 -3.80 6.84 -11.27
N ASN A 8 -4.89 6.85 -12.03
CA ASN A 8 -4.86 6.51 -13.45
C ASN A 8 -4.50 7.69 -14.35
N VAL A 9 -4.38 8.87 -13.76
CA VAL A 9 -3.91 10.05 -14.48
C VAL A 9 -2.50 9.77 -15.03
N PRO A 10 -2.21 10.19 -16.27
CA PRO A 10 -0.87 9.92 -16.79
C PRO A 10 0.24 10.79 -16.18
N ARG A 11 1.47 10.29 -16.23
CA ARG A 11 2.61 10.96 -15.60
C ARG A 11 2.75 12.40 -16.08
N ALA A 12 2.54 12.63 -17.37
CA ALA A 12 2.71 13.97 -17.95
C ALA A 12 1.71 14.98 -17.40
N SER A 13 0.56 14.51 -16.88
CA SER A 13 -0.41 15.40 -16.27
C SER A 13 -0.11 15.78 -14.81
N VAL A 14 0.91 15.20 -14.19
CA VAL A 14 1.30 15.58 -12.84
C VAL A 14 2.18 16.82 -12.94
N PRO A 15 1.75 17.94 -12.36
CA PRO A 15 2.49 19.17 -12.67
C PRO A 15 3.83 19.20 -11.96
N ASP A 16 4.81 19.83 -12.60
CA ASP A 16 6.09 20.12 -11.94
C ASP A 16 5.84 20.78 -10.56
N GLY A 17 6.52 20.28 -9.52
CA GLY A 17 6.37 20.82 -8.17
C GLY A 17 5.30 20.17 -7.31
N PHE A 18 4.55 19.22 -7.89
CA PHE A 18 3.45 18.59 -7.17
C PHE A 18 3.88 17.97 -5.85
N LEU A 19 4.99 17.23 -5.85
N LEU A 19 4.99 17.23 -5.84
CA LEU A 19 5.48 16.60 -4.62
CA LEU A 19 5.44 16.61 -4.59
C LEU A 19 5.90 17.64 -3.60
C LEU A 19 5.97 17.62 -3.57
N SER A 20 6.55 18.72 -4.07
CA SER A 20 6.91 19.83 -3.18
C SER A 20 5.68 20.45 -2.55
N GLU A 21 4.63 20.70 -3.34
CA GLU A 21 3.39 21.25 -2.79
C GLU A 21 2.78 20.33 -1.74
N LEU A 22 2.70 19.03 -2.05
CA LEU A 22 2.16 18.07 -1.07
C LEU A 22 2.96 18.12 0.21
N THR A 23 4.29 18.13 0.09
CA THR A 23 5.18 18.19 1.26
C THR A 23 4.85 19.41 2.11
N GLN A 24 4.75 20.56 1.45
CA GLN A 24 4.54 21.84 2.14
C GLN A 24 3.18 21.89 2.78
N GLN A 25 2.15 21.48 2.05
CA GLN A 25 0.78 21.56 2.55
C GLN A 25 0.51 20.56 3.66
N LEU A 26 1.10 19.37 3.54
CA LEU A 26 0.97 18.36 4.60
C LEU A 26 1.70 18.75 5.89
N ALA A 27 2.86 19.38 5.74
CA ALA A 27 3.55 19.95 6.90
C ALA A 27 2.63 20.93 7.62
N GLN A 28 2.04 21.86 6.86
CA GLN A 28 1.10 22.82 7.42
C GLN A 28 -0.08 22.13 8.10
N ALA A 29 -0.70 21.17 7.42
CA ALA A 29 -1.92 20.54 7.93
C ALA A 29 -1.68 19.65 9.16
N THR A 30 -0.56 18.92 9.18
CA THR A 30 -0.25 18.01 10.30
C THR A 30 0.48 18.68 11.47
N GLY A 31 1.08 19.84 11.21
CA GLY A 31 1.93 20.50 12.19
C GLY A 31 3.30 19.86 12.32
N LYS A 32 3.62 18.88 11.46
CA LYS A 32 4.92 18.25 11.49
C LYS A 32 5.90 18.99 10.59
N PRO A 33 7.20 18.99 10.94
CA PRO A 33 8.17 19.63 10.07
C PRO A 33 8.21 18.97 8.69
N PRO A 34 8.44 19.77 7.63
CA PRO A 34 8.59 19.26 6.28
C PRO A 34 9.61 18.12 6.17
N GLN A 35 10.70 18.19 6.95
CA GLN A 35 11.73 17.15 6.93
C GLN A 35 11.19 15.73 7.18
N TYR A 36 10.11 15.62 7.96
CA TYR A 36 9.48 14.34 8.31
C TYR A 36 8.58 13.78 7.22
N ILE A 37 8.10 14.64 6.33
CA ILE A 37 7.01 14.28 5.43
C ILE A 37 7.54 13.47 4.27
N ALA A 38 6.94 12.30 4.05
CA ALA A 38 7.20 11.48 2.87
C ALA A 38 5.99 11.56 1.93
N VAL A 39 6.27 11.69 0.64
CA VAL A 39 5.21 11.79 -0.36
CA VAL A 39 5.23 11.82 -0.39
C VAL A 39 5.56 10.89 -1.55
N HIS A 40 4.54 10.23 -2.08
CA HIS A 40 4.73 9.22 -3.11
C HIS A 40 3.53 9.29 -4.05
N VAL A 41 3.83 9.48 -5.34
N VAL A 41 3.80 9.51 -5.34
CA VAL A 41 2.81 9.64 -6.38
CA VAL A 41 2.74 9.62 -6.33
C VAL A 41 3.04 8.57 -7.43
C VAL A 41 3.01 8.60 -7.44
N VAL A 42 1.98 7.84 -7.77
CA VAL A 42 2.08 6.72 -8.69
C VAL A 42 1.01 6.90 -9.77
N PRO A 43 1.40 7.50 -10.90
CA PRO A 43 0.49 7.73 -12.02
C PRO A 43 0.38 6.51 -12.94
N ASP A 44 -0.44 6.65 -13.98
CA ASP A 44 -0.58 5.66 -15.05
C ASP A 44 -1.10 4.31 -14.54
N GLN A 45 -1.84 4.32 -13.43
CA GLN A 45 -2.32 3.08 -12.84
C GLN A 45 -3.55 2.52 -13.53
N LEU A 46 -3.65 1.19 -13.48
CA LEU A 46 -4.81 0.48 -13.99
C LEU A 46 -5.80 0.39 -12.84
N MET A 47 -6.80 1.28 -12.85
CA MET A 47 -7.76 1.31 -11.78
C MET A 47 -9.13 1.76 -12.23
N ALA A 48 -10.14 1.44 -11.44
CA ALA A 48 -11.49 1.90 -11.68
C ALA A 48 -12.15 2.29 -10.37
N PHE A 49 -13.12 3.20 -10.49
CA PHE A 49 -13.87 3.70 -9.35
C PHE A 49 -15.33 3.65 -9.79
N GLY A 50 -16.12 2.84 -9.10
CA GLY A 50 -17.52 2.63 -9.48
C GLY A 50 -17.70 2.01 -10.87
N GLY A 51 -16.70 1.25 -11.31
CA GLY A 51 -16.73 0.62 -12.61
C GLY A 51 -16.45 1.56 -13.77
N SER A 52 -16.04 2.80 -13.47
CA SER A 52 -15.65 3.78 -14.47
C SER A 52 -14.14 3.96 -14.44
N SER A 53 -13.54 4.07 -15.62
CA SER A 53 -12.11 4.31 -15.74
C SER A 53 -11.76 5.79 -15.89
N GLU A 54 -12.73 6.68 -15.63
CA GLU A 54 -12.45 8.11 -15.62
C GLU A 54 -11.43 8.41 -14.50
N PRO A 55 -10.79 9.60 -14.56
CA PRO A 55 -9.78 9.91 -13.56
C PRO A 55 -10.24 9.65 -12.13
N CYS A 56 -9.39 8.96 -11.37
CA CYS A 56 -9.64 8.68 -9.97
C CYS A 56 -8.31 8.54 -9.22
N ALA A 57 -8.39 8.45 -7.89
CA ALA A 57 -7.19 8.26 -7.06
C ALA A 57 -7.52 7.49 -5.81
N LEU A 58 -6.59 6.63 -5.40
CA LEU A 58 -6.69 5.87 -4.18
C LEU A 58 -5.46 6.24 -3.37
N CYS A 59 -5.69 6.78 -2.17
CA CYS A 59 -4.63 7.39 -1.38
C CYS A 59 -4.59 6.89 0.03
N SER A 60 -3.46 7.13 0.70
N SER A 60 -3.46 7.09 0.70
CA SER A 60 -3.29 6.81 2.10
CA SER A 60 -3.35 6.81 2.12
C SER A 60 -2.56 7.93 2.80
C SER A 60 -2.55 7.90 2.81
N LEU A 61 -2.95 8.20 4.04
CA LEU A 61 -2.19 9.06 4.93
C LEU A 61 -1.93 8.30 6.22
N HIS A 62 -0.66 7.99 6.47
CA HIS A 62 -0.21 7.40 7.71
C HIS A 62 0.43 8.50 8.56
N SER A 63 0.07 8.57 9.84
CA SER A 63 0.64 9.58 10.74
C SER A 63 0.71 9.03 12.15
N ILE A 64 1.76 9.41 12.88
CA ILE A 64 1.82 9.10 14.32
C ILE A 64 1.04 10.19 15.02
N GLY A 65 -0.20 9.87 15.38
CA GLY A 65 -1.12 10.89 15.89
C GLY A 65 -1.59 11.83 14.79
N LYS A 66 -2.26 12.91 15.19
CA LYS A 66 -2.83 13.90 14.26
C LYS A 66 -3.87 13.27 13.31
N ILE A 67 -4.52 12.21 13.78
CA ILE A 67 -5.57 11.53 13.01
C ILE A 67 -6.80 11.49 13.89
N GLY A 68 -7.96 11.84 13.33
CA GLY A 68 -9.20 11.83 14.10
C GLY A 68 -10.35 12.38 13.29
N GLY A 69 -11.54 12.38 13.88
CA GLY A 69 -12.75 12.82 13.19
C GLY A 69 -12.63 14.11 12.40
N ALA A 70 -12.41 15.22 13.09
CA ALA A 70 -12.36 16.54 12.47
C ALA A 70 -11.10 16.72 11.64
N GLN A 71 -9.99 16.20 12.14
CA GLN A 71 -8.73 16.33 11.44
C GLN A 71 -8.80 15.68 10.07
N ASN A 72 -9.41 14.50 10.01
CA ASN A 72 -9.48 13.75 8.76
C ASN A 72 -10.41 14.42 7.75
N ARG A 73 -11.49 15.03 8.22
CA ARG A 73 -12.32 15.84 7.33
C ARG A 73 -11.49 16.96 6.70
N SER A 74 -10.68 17.62 7.53
CA SER A 74 -9.84 18.72 7.07
C SER A 74 -8.76 18.26 6.08
N TYR A 75 -8.14 17.11 6.34
CA TYR A 75 -7.17 16.55 5.41
C TYR A 75 -7.85 16.22 4.08
N SER A 76 -9.07 15.68 4.14
CA SER A 76 -9.76 15.27 2.93
C SER A 76 -10.12 16.47 2.05
N LYS A 77 -10.56 17.55 2.68
CA LYS A 77 -10.85 18.78 1.95
C LYS A 77 -9.57 19.29 1.28
N LEU A 78 -8.47 19.28 2.03
CA LEU A 78 -7.20 19.76 1.48
C LEU A 78 -6.74 18.88 0.32
N LEU A 79 -6.72 17.58 0.56
CA LEU A 79 -6.15 16.65 -0.40
C LEU A 79 -7.02 16.48 -1.64
N CYS A 80 -8.33 16.35 -1.46
CA CYS A 80 -9.24 16.31 -2.61
C CYS A 80 -9.17 17.61 -3.41
N GLY A 81 -9.05 18.74 -2.72
CA GLY A 81 -8.86 20.02 -3.40
C GLY A 81 -7.63 20.03 -4.28
N LEU A 82 -6.52 19.52 -3.77
CA LEU A 82 -5.30 19.45 -4.55
C LEU A 82 -5.40 18.50 -5.73
N LEU A 83 -5.97 17.32 -5.50
CA LEU A 83 -6.12 16.36 -6.59
C LEU A 83 -7.04 16.91 -7.69
N ALA A 84 -8.07 17.65 -7.29
CA ALA A 84 -8.96 18.32 -8.25
C ALA A 84 -8.24 19.42 -9.03
N GLU A 85 -7.62 20.34 -8.29
N GLU A 85 -7.62 20.35 -8.32
CA GLU A 85 -6.98 21.51 -8.88
CA GLU A 85 -7.00 21.50 -8.99
C GLU A 85 -5.76 21.14 -9.73
C GLU A 85 -5.76 21.10 -9.79
N ARG A 86 -4.93 20.23 -9.24
CA ARG A 86 -3.68 19.88 -9.91
C ARG A 86 -3.78 18.72 -10.86
N LEU A 87 -4.55 17.68 -10.52
CA LEU A 87 -4.62 16.48 -11.36
C LEU A 87 -5.95 16.34 -12.12
N ARG A 88 -6.87 17.27 -11.88
CA ARG A 88 -8.20 17.29 -12.54
C ARG A 88 -9.02 16.03 -12.26
N ILE A 89 -8.91 15.53 -11.03
CA ILE A 89 -9.65 14.38 -10.56
C ILE A 89 -10.78 14.88 -9.70
N SER A 90 -11.99 14.44 -10.02
N SER A 90 -12.00 14.45 -10.01
CA SER A 90 -13.16 14.84 -9.25
CA SER A 90 -13.17 14.83 -9.24
C SER A 90 -13.06 14.32 -7.82
C SER A 90 -13.05 14.32 -7.80
N PRO A 91 -13.40 15.15 -6.81
CA PRO A 91 -13.30 14.75 -5.40
C PRO A 91 -14.11 13.50 -5.03
N ASP A 92 -15.21 13.28 -5.75
CA ASP A 92 -16.02 12.10 -5.53
C ASP A 92 -15.48 10.83 -6.23
N ARG A 93 -14.29 10.92 -6.83
CA ARG A 93 -13.58 9.75 -7.36
C ARG A 93 -12.21 9.60 -6.66
N VAL A 94 -12.18 9.99 -5.38
CA VAL A 94 -10.99 9.85 -4.52
C VAL A 94 -11.38 9.11 -3.25
N TYR A 95 -10.60 8.09 -2.90
CA TYR A 95 -10.63 7.53 -1.55
C TYR A 95 -9.29 7.76 -0.88
N ILE A 96 -9.34 8.10 0.40
CA ILE A 96 -8.16 8.30 1.22
C ILE A 96 -8.30 7.47 2.48
N ASN A 97 -7.35 6.55 2.70
N ASN A 97 -7.35 6.56 2.70
CA ASN A 97 -7.34 5.75 3.92
CA ASN A 97 -7.32 5.73 3.90
C ASN A 97 -6.45 6.41 4.94
C ASN A 97 -6.42 6.36 4.97
N TYR A 98 -7.00 6.69 6.13
CA TYR A 98 -6.24 7.32 7.22
C TYR A 98 -5.83 6.26 8.25
N TYR A 99 -4.55 6.26 8.63
N TYR A 99 -4.56 6.25 8.64
CA TYR A 99 -4.02 5.32 9.61
CA TYR A 99 -4.07 5.28 9.61
C TYR A 99 -3.28 6.06 10.69
C TYR A 99 -3.24 5.96 10.70
N ASP A 100 -3.74 5.92 11.94
CA ASP A 100 -3.03 6.45 13.09
C ASP A 100 -2.02 5.38 13.56
N MET A 101 -0.74 5.61 13.27
CA MET A 101 0.31 4.66 13.61
C MET A 101 0.81 4.82 15.04
N ASN A 102 1.01 3.71 15.74
N ASN A 102 0.99 3.71 15.74
CA ASN A 102 1.75 3.72 17.02
CA ASN A 102 1.72 3.72 17.02
C ASN A 102 3.20 3.99 16.70
C ASN A 102 3.19 3.97 16.71
N ALA A 103 3.84 4.85 17.47
CA ALA A 103 5.25 5.20 17.22
C ALA A 103 6.18 3.97 17.18
N ALA A 104 5.86 2.97 17.99
CA ALA A 104 6.67 1.72 18.05
C ALA A 104 6.57 0.87 16.79
N ASN A 105 5.57 1.17 15.96
CA ASN A 105 5.35 0.46 14.70
C ASN A 105 5.80 1.24 13.48
N VAL A 106 6.64 2.26 13.70
CA VAL A 106 7.24 3.01 12.61
C VAL A 106 8.75 2.96 12.71
N GLY A 107 9.37 2.32 11.72
CA GLY A 107 10.81 2.23 11.63
C GLY A 107 11.42 3.40 10.85
N TRP A 108 12.59 3.82 11.29
CA TRP A 108 13.34 4.90 10.68
C TRP A 108 14.75 4.90 11.28
N ASN A 109 15.76 5.11 10.44
CA ASN A 109 17.15 5.32 10.90
C ASN A 109 17.65 4.23 11.84
N ASN A 110 17.53 2.99 11.37
CA ASN A 110 18.00 1.81 12.07
C ASN A 110 17.26 1.48 13.35
N SER A 111 16.16 2.17 13.63
CA SER A 111 15.43 1.97 14.86
C SER A 111 13.93 2.24 14.63
N THR A 112 13.19 2.51 15.71
CA THR A 112 11.79 2.92 15.62
C THR A 112 11.59 4.17 16.47
N PHE A 113 10.49 4.86 16.25
CA PHE A 113 10.12 6.02 17.07
C PHE A 113 9.48 5.58 18.37
N ALA A 114 9.21 6.53 19.26
CA ALA A 114 8.42 6.23 20.47
C ALA A 114 7.45 7.36 20.80
N PRO B 1 -16.02 -0.28 -0.29
CA PRO B 1 -14.85 -1.17 -0.47
C PRO B 1 -13.83 -0.85 -1.57
N MET B 2 -12.58 -1.22 -1.29
CA MET B 2 -11.46 -1.01 -2.19
C MET B 2 -10.61 -2.26 -2.24
N PHE B 3 -10.30 -2.71 -3.46
CA PHE B 3 -9.51 -3.93 -3.66
C PHE B 3 -8.31 -3.65 -4.51
N ILE B 4 -7.12 -4.02 -4.03
CA ILE B 4 -5.89 -3.79 -4.74
C ILE B 4 -5.19 -5.11 -4.95
N VAL B 5 -4.68 -5.34 -6.16
CA VAL B 5 -3.88 -6.53 -6.50
CA VAL B 5 -3.85 -6.50 -6.42
C VAL B 5 -2.52 -6.07 -7.03
N ASN B 6 -1.45 -6.53 -6.39
CA ASN B 6 -0.09 -6.36 -6.89
C ASN B 6 0.39 -7.74 -7.34
N THR B 7 0.90 -7.82 -8.57
CA THR B 7 1.24 -9.11 -9.13
C THR B 7 2.43 -9.01 -10.08
N ASN B 8 3.17 -10.10 -10.19
CA ASN B 8 4.25 -10.21 -11.16
C ASN B 8 3.80 -10.68 -12.56
N VAL B 9 2.52 -10.99 -12.70
CA VAL B 9 1.94 -11.26 -14.03
C VAL B 9 2.09 -9.99 -14.90
N PRO B 10 2.47 -10.17 -16.19
CA PRO B 10 2.68 -8.98 -17.01
C PRO B 10 1.38 -8.28 -17.42
N ARG B 11 1.47 -7.00 -17.73
CA ARG B 11 0.31 -6.19 -18.04
C ARG B 11 -0.56 -6.82 -19.15
N ALA B 12 0.08 -7.37 -20.19
CA ALA B 12 -0.67 -7.91 -21.33
C ALA B 12 -1.47 -9.17 -20.96
N SER B 13 -1.11 -9.80 -19.84
CA SER B 13 -1.87 -10.93 -19.32
C SER B 13 -3.03 -10.54 -18.41
N VAL B 14 -3.19 -9.25 -18.11
CA VAL B 14 -4.37 -8.80 -17.35
C VAL B 14 -5.51 -8.53 -18.33
N PRO B 15 -6.62 -9.30 -18.26
CA PRO B 15 -7.64 -9.03 -19.27
C PRO B 15 -8.24 -7.62 -19.13
N ASP B 16 -8.64 -7.03 -20.27
CA ASP B 16 -9.22 -5.69 -20.27
C ASP B 16 -10.47 -5.57 -19.38
N GLY B 17 -11.20 -6.67 -19.24
CA GLY B 17 -12.41 -6.69 -18.46
C GLY B 17 -12.27 -6.98 -16.98
N PHE B 18 -11.04 -7.19 -16.50
CA PHE B 18 -10.83 -7.70 -15.14
C PHE B 18 -11.26 -6.71 -14.07
N LEU B 19 -10.95 -5.42 -14.24
CA LEU B 19 -11.40 -4.42 -13.24
C LEU B 19 -12.93 -4.42 -13.11
N SER B 20 -13.62 -4.47 -14.23
CA SER B 20 -15.10 -4.43 -14.20
C SER B 20 -15.64 -5.71 -13.60
N GLU B 21 -15.00 -6.85 -13.89
CA GLU B 21 -15.43 -8.13 -13.32
C GLU B 21 -15.29 -8.14 -11.79
N LEU B 22 -14.13 -7.69 -11.32
CA LEU B 22 -13.88 -7.54 -9.89
C LEU B 22 -14.90 -6.60 -9.25
N THR B 23 -15.18 -5.48 -9.91
CA THR B 23 -16.14 -4.50 -9.37
C THR B 23 -17.49 -5.15 -9.13
N GLN B 24 -17.98 -5.86 -10.14
CA GLN B 24 -19.30 -6.49 -10.08
C GLN B 24 -19.35 -7.59 -9.04
N GLN B 25 -18.32 -8.43 -9.03
CA GLN B 25 -18.27 -9.55 -8.10
C GLN B 25 -18.12 -9.10 -6.64
N LEU B 26 -17.33 -8.06 -6.43
CA LEU B 26 -17.19 -7.48 -5.10
C LEU B 26 -18.45 -6.76 -4.62
N ALA B 27 -19.18 -6.12 -5.54
CA ALA B 27 -20.46 -5.52 -5.18
C ALA B 27 -21.43 -6.58 -4.65
N GLN B 28 -21.50 -7.72 -5.34
CA GLN B 28 -22.36 -8.82 -4.89
C GLN B 28 -21.88 -9.40 -3.58
N ALA B 29 -20.57 -9.61 -3.46
CA ALA B 29 -20.02 -10.23 -2.25
C ALA B 29 -20.15 -9.35 -1.00
N THR B 30 -20.04 -8.04 -1.17
CA THR B 30 -20.08 -7.10 -0.03
C THR B 30 -21.47 -6.54 0.21
N GLY B 31 -22.35 -6.69 -0.79
CA GLY B 31 -23.69 -6.13 -0.73
C GLY B 31 -23.75 -4.63 -0.97
N LYS B 32 -22.66 -4.03 -1.47
CA LYS B 32 -22.64 -2.60 -1.74
C LYS B 32 -22.89 -2.36 -3.22
N PRO B 33 -23.51 -1.22 -3.57
CA PRO B 33 -23.66 -0.84 -4.97
C PRO B 33 -22.30 -0.84 -5.66
N PRO B 34 -22.23 -1.26 -6.93
CA PRO B 34 -20.99 -1.18 -7.72
C PRO B 34 -20.35 0.21 -7.72
N GLN B 35 -21.16 1.26 -7.64
CA GLN B 35 -20.62 2.63 -7.65
C GLN B 35 -19.63 2.89 -6.51
N TYR B 36 -19.79 2.18 -5.39
CA TYR B 36 -18.89 2.38 -4.24
C TYR B 36 -17.53 1.69 -4.40
N ILE B 37 -17.42 0.75 -5.32
CA ILE B 37 -16.28 -0.15 -5.35
C ILE B 37 -15.13 0.45 -6.17
N ALA B 38 -13.94 0.46 -5.60
CA ALA B 38 -12.73 0.84 -6.32
C ALA B 38 -11.83 -0.38 -6.44
N VAL B 39 -11.22 -0.53 -7.60
CA VAL B 39 -10.33 -1.65 -7.89
CA VAL B 39 -10.35 -1.65 -7.93
C VAL B 39 -9.07 -1.12 -8.56
N HIS B 40 -7.95 -1.77 -8.25
CA HIS B 40 -6.65 -1.33 -8.69
C HIS B 40 -5.79 -2.57 -8.91
N VAL B 41 -5.25 -2.72 -10.12
CA VAL B 41 -4.43 -3.86 -10.48
C VAL B 41 -3.06 -3.33 -10.91
N VAL B 42 -2.02 -3.87 -10.29
CA VAL B 42 -0.65 -3.44 -10.53
C VAL B 42 0.19 -4.62 -11.04
N PRO B 43 0.35 -4.73 -12.37
CA PRO B 43 1.09 -5.83 -12.97
C PRO B 43 2.60 -5.58 -13.02
N ASP B 44 3.33 -6.54 -13.57
CA ASP B 44 4.77 -6.43 -13.85
C ASP B 44 5.63 -6.18 -12.62
N GLN B 45 5.14 -6.57 -11.45
CA GLN B 45 5.87 -6.33 -10.22
C GLN B 45 7.03 -7.29 -9.96
N LEU B 46 8.07 -6.77 -9.33
N LEU B 46 8.09 -6.77 -9.35
CA LEU B 46 9.21 -7.57 -8.90
CA LEU B 46 9.21 -7.60 -8.92
C LEU B 46 8.88 -8.15 -7.54
C LEU B 46 8.85 -8.15 -7.56
N MET B 47 8.50 -9.43 -7.51
CA MET B 47 8.14 -10.06 -6.26
C MET B 47 8.53 -11.52 -6.18
N ALA B 48 8.56 -12.01 -4.96
CA ALA B 48 8.81 -13.41 -4.69
C ALA B 48 7.85 -13.84 -3.60
N PHE B 49 7.44 -15.09 -3.68
CA PHE B 49 6.51 -15.69 -2.76
C PHE B 49 7.11 -17.05 -2.44
N GLY B 50 7.44 -17.26 -1.17
CA GLY B 50 8.13 -18.49 -0.75
C GLY B 50 9.45 -18.71 -1.46
N GLY B 51 10.13 -17.62 -1.77
CA GLY B 51 11.43 -17.69 -2.48
C GLY B 51 11.37 -17.99 -3.97
N SER B 52 10.16 -18.09 -4.52
CA SER B 52 9.95 -18.38 -5.93
C SER B 52 9.34 -17.18 -6.65
N SER B 53 9.69 -17.07 -7.93
CA SER B 53 9.26 -16.01 -8.84
C SER B 53 8.12 -16.41 -9.77
N GLU B 54 7.50 -17.56 -9.52
CA GLU B 54 6.33 -17.97 -10.27
C GLU B 54 5.19 -16.98 -10.01
N PRO B 55 4.16 -16.98 -10.88
CA PRO B 55 3.08 -16.00 -10.69
C PRO B 55 2.50 -15.99 -9.27
N CYS B 56 2.31 -14.80 -8.73
CA CYS B 56 1.79 -14.64 -7.39
C CYS B 56 1.05 -13.29 -7.28
N ALA B 57 0.34 -13.09 -6.17
CA ALA B 57 -0.40 -11.87 -5.94
C ALA B 57 -0.43 -11.52 -4.47
N LEU B 58 -0.17 -10.23 -4.20
CA LEU B 58 -0.32 -9.65 -2.87
C LEU B 58 -1.42 -8.62 -2.96
N CYS B 59 -2.47 -8.83 -2.18
CA CYS B 59 -3.70 -8.08 -2.34
C CYS B 59 -4.16 -7.46 -1.04
N SER B 60 -5.06 -6.49 -1.15
CA SER B 60 -5.75 -5.97 0.01
C SER B 60 -7.21 -5.69 -0.29
N LEU B 61 -8.04 -5.88 0.73
CA LEU B 61 -9.43 -5.46 0.66
C LEU B 61 -9.71 -4.61 1.89
N HIS B 62 -10.02 -3.34 1.64
CA HIS B 62 -10.44 -2.42 2.70
C HIS B 62 -11.92 -2.22 2.55
N SER B 63 -12.64 -2.24 3.67
CA SER B 63 -14.07 -2.01 3.65
C SER B 63 -14.53 -1.41 4.97
N ILE B 64 -15.55 -0.55 4.89
CA ILE B 64 -16.21 -0.02 6.10
C ILE B 64 -17.24 -1.05 6.48
N GLY B 65 -16.87 -1.93 7.41
CA GLY B 65 -17.69 -3.08 7.75
C GLY B 65 -17.55 -4.15 6.68
N LYS B 66 -18.40 -5.17 6.80
CA LYS B 66 -18.40 -6.34 5.91
C LYS B 66 -17.06 -7.06 5.94
N ILE B 67 -16.39 -6.99 7.10
CA ILE B 67 -15.11 -7.67 7.30
C ILE B 67 -15.25 -8.49 8.59
N GLY B 68 -14.83 -9.75 8.55
CA GLY B 68 -14.84 -10.58 9.76
C GLY B 68 -14.43 -11.98 9.42
N GLY B 69 -14.32 -12.83 10.45
CA GLY B 69 -13.86 -14.20 10.28
C GLY B 69 -14.51 -14.94 9.11
N ALA B 70 -15.84 -15.06 9.14
CA ALA B 70 -16.54 -15.83 8.12
C ALA B 70 -16.55 -15.13 6.77
N GLN B 71 -16.81 -13.84 6.80
CA GLN B 71 -16.85 -13.05 5.59
C GLN B 71 -15.51 -13.11 4.85
N ASN B 72 -14.42 -13.01 5.61
CA ASN B 72 -13.08 -13.06 5.00
C ASN B 72 -12.77 -14.41 4.36
N ARG B 73 -13.16 -15.48 5.03
CA ARG B 73 -13.00 -16.83 4.45
C ARG B 73 -13.74 -16.93 3.12
N SER B 74 -14.93 -16.32 3.04
CA SER B 74 -15.70 -16.30 1.79
C SER B 74 -15.03 -15.44 0.72
N TYR B 75 -14.61 -14.23 1.09
CA TYR B 75 -13.89 -13.36 0.13
C TYR B 75 -12.69 -14.08 -0.48
N SER B 76 -11.94 -14.82 0.32
CA SER B 76 -10.75 -15.49 -0.17
C SER B 76 -11.05 -16.48 -1.29
N LYS B 77 -12.17 -17.18 -1.17
CA LYS B 77 -12.63 -18.09 -2.22
C LYS B 77 -12.99 -17.33 -3.50
N LEU B 78 -13.76 -16.27 -3.34
CA LEU B 78 -14.13 -15.43 -4.47
C LEU B 78 -12.89 -14.89 -5.18
N LEU B 79 -11.99 -14.29 -4.42
CA LEU B 79 -10.83 -13.62 -5.01
C LEU B 79 -9.79 -14.57 -5.56
N CYS B 80 -9.52 -15.67 -4.86
CA CYS B 80 -8.61 -16.68 -5.40
C CYS B 80 -9.17 -17.25 -6.72
N GLY B 81 -10.48 -17.40 -6.79
CA GLY B 81 -11.15 -17.93 -7.99
C GLY B 81 -10.90 -17.00 -9.18
N LEU B 82 -11.10 -15.71 -8.95
CA LEU B 82 -10.91 -14.71 -9.98
C LEU B 82 -9.47 -14.61 -10.46
N LEU B 83 -8.54 -14.59 -9.52
CA LEU B 83 -7.12 -14.49 -9.83
C LEU B 83 -6.61 -15.77 -10.51
N ALA B 84 -7.11 -16.92 -10.06
CA ALA B 84 -6.75 -18.18 -10.70
C ALA B 84 -7.20 -18.22 -12.14
N GLU B 85 -8.46 -17.88 -12.38
CA GLU B 85 -8.98 -17.96 -13.75
C GLU B 85 -8.41 -16.87 -14.66
N ARG B 86 -8.46 -15.62 -14.22
CA ARG B 86 -8.14 -14.52 -15.12
C ARG B 86 -6.65 -14.24 -15.20
N LEU B 87 -5.92 -14.45 -14.12
CA LEU B 87 -4.48 -14.16 -14.10
C LEU B 87 -3.61 -15.42 -14.04
N ARG B 88 -4.23 -16.60 -13.98
CA ARG B 88 -3.51 -17.87 -13.99
C ARG B 88 -2.57 -17.98 -12.78
N ILE B 89 -2.98 -17.45 -11.63
CA ILE B 89 -2.19 -17.49 -10.41
C ILE B 89 -2.70 -18.64 -9.55
N SER B 90 -1.77 -19.47 -9.06
CA SER B 90 -2.13 -20.56 -8.18
C SER B 90 -2.65 -19.97 -6.84
N PRO B 91 -3.77 -20.49 -6.30
CA PRO B 91 -4.36 -19.90 -5.09
C PRO B 91 -3.49 -19.94 -3.85
N ASP B 92 -2.51 -20.85 -3.82
CA ASP B 92 -1.57 -20.90 -2.71
C ASP B 92 -0.41 -19.93 -2.87
N ARG B 93 -0.48 -19.09 -3.91
CA ARG B 93 0.47 -17.99 -4.10
C ARG B 93 -0.24 -16.63 -4.09
N VAL B 94 -1.31 -16.55 -3.28
CA VAL B 94 -2.08 -15.34 -3.09
C VAL B 94 -2.16 -15.02 -1.60
N TYR B 95 -1.78 -13.80 -1.23
CA TYR B 95 -2.12 -13.28 0.09
C TYR B 95 -3.08 -12.11 -0.05
N ILE B 96 -4.06 -12.04 0.84
CA ILE B 96 -5.00 -10.92 0.91
C ILE B 96 -5.06 -10.34 2.32
N ASN B 97 -4.70 -9.07 2.46
N ASN B 97 -4.74 -9.06 2.46
CA ASN B 97 -4.90 -8.34 3.73
CA ASN B 97 -4.83 -8.38 3.74
C ASN B 97 -6.28 -7.77 3.79
C ASN B 97 -6.21 -7.69 3.85
N TYR B 98 -7.01 -8.11 4.83
CA TYR B 98 -8.34 -7.57 5.04
C TYR B 98 -8.28 -6.49 6.12
N TYR B 99 -8.89 -5.36 5.83
N TYR B 99 -8.89 -5.35 5.87
CA TYR B 99 -8.92 -4.23 6.78
CA TYR B 99 -8.85 -4.25 6.84
C TYR B 99 -10.31 -3.72 6.96
C TYR B 99 -10.24 -3.64 6.99
N ASP B 100 -10.78 -3.70 8.21
CA ASP B 100 -12.08 -3.15 8.52
C ASP B 100 -11.87 -1.67 8.90
N MET B 101 -12.29 -0.76 8.04
CA MET B 101 -12.04 0.67 8.24
C MET B 101 -13.16 1.33 9.02
N ASN B 102 -12.80 2.19 9.97
N ASN B 102 -12.80 2.20 9.95
CA ASN B 102 -13.76 3.09 10.59
CA ASN B 102 -13.77 3.09 10.57
C ASN B 102 -14.14 4.14 9.56
C ASN B 102 -14.14 4.15 9.56
N ALA B 103 -15.43 4.48 9.49
CA ALA B 103 -15.94 5.51 8.56
C ALA B 103 -15.22 6.84 8.70
N ALA B 104 -14.84 7.19 9.93
CA ALA B 104 -14.08 8.43 10.20
C ALA B 104 -12.69 8.46 9.57
N ASN B 105 -12.19 7.28 9.18
CA ASN B 105 -10.84 7.14 8.62
C ASN B 105 -10.85 6.85 7.13
N VAL B 106 -11.98 7.09 6.49
CA VAL B 106 -12.08 6.98 5.04
C VAL B 106 -12.50 8.33 4.47
N GLY B 107 -11.57 8.96 3.76
CA GLY B 107 -11.83 10.21 3.07
C GLY B 107 -12.44 9.98 1.70
N TRP B 108 -13.38 10.85 1.32
CA TRP B 108 -14.05 10.81 0.04
C TRP B 108 -14.74 12.16 -0.16
N ASN B 109 -14.68 12.72 -1.37
CA ASN B 109 -15.46 13.90 -1.74
C ASN B 109 -15.31 15.05 -0.73
N ASN B 110 -14.07 15.42 -0.45
CA ASN B 110 -13.72 16.51 0.44
C ASN B 110 -14.04 16.34 1.93
N SER B 111 -14.44 15.13 2.33
CA SER B 111 -14.81 14.87 3.71
C SER B 111 -14.49 13.42 4.03
N THR B 112 -15.14 12.88 5.04
CA THR B 112 -15.07 11.47 5.37
C THR B 112 -16.48 10.93 5.54
N PHE B 113 -16.58 9.62 5.68
CA PHE B 113 -17.88 8.97 5.79
C PHE B 113 -18.46 9.06 7.19
N ALA B 114 -17.68 9.50 8.18
CA ALA B 114 -18.25 9.70 9.54
C ALA B 114 -19.48 10.61 9.51
N PRO C 1 4.75 -13.54 7.09
CA PRO C 1 5.19 -12.16 6.77
C PRO C 1 5.29 -11.74 5.31
N MET C 2 5.06 -10.45 5.08
CA MET C 2 5.14 -9.86 3.76
C MET C 2 5.89 -8.55 3.90
N PHE C 3 6.92 -8.35 3.07
CA PHE C 3 7.73 -7.14 3.09
C PHE C 3 7.70 -6.46 1.75
N ILE C 4 7.40 -5.17 1.76
CA ILE C 4 7.28 -4.40 0.55
C ILE C 4 8.21 -3.18 0.68
N VAL C 5 8.95 -2.91 -0.40
N VAL C 5 8.96 -2.88 -0.37
CA VAL C 5 9.82 -1.73 -0.51
CA VAL C 5 9.79 -1.67 -0.38
C VAL C 5 9.41 -0.91 -1.72
C VAL C 5 9.56 -0.88 -1.66
N ASN C 6 9.08 0.35 -1.50
CA ASN C 6 8.90 1.32 -2.58
C ASN C 6 10.03 2.33 -2.52
N THR C 7 10.70 2.54 -3.63
CA THR C 7 11.90 3.38 -3.65
C THR C 7 12.04 4.10 -4.97
N ASN C 8 12.67 5.28 -4.92
CA ASN C 8 13.04 6.04 -6.11
C ASN C 8 14.34 5.57 -6.75
N VAL C 9 15.03 4.63 -6.12
CA VAL C 9 16.24 4.06 -6.69
C VAL C 9 15.86 3.38 -8.02
N PRO C 10 16.70 3.51 -9.06
CA PRO C 10 16.30 2.90 -10.32
C PRO C 10 16.43 1.39 -10.35
N ARG C 11 15.64 0.76 -11.22
CA ARG C 11 15.56 -0.70 -11.34
C ARG C 11 16.94 -1.33 -11.47
N ALA C 12 17.81 -0.73 -12.28
CA ALA C 12 19.15 -1.27 -12.54
C ALA C 12 20.04 -1.30 -11.30
N SER C 13 19.75 -0.48 -10.29
CA SER C 13 20.54 -0.48 -9.06
C SER C 13 20.09 -1.55 -8.06
N VAL C 14 19.03 -2.28 -8.38
CA VAL C 14 18.57 -3.34 -7.50
C VAL C 14 19.36 -4.59 -7.87
N PRO C 15 20.18 -5.11 -6.95
CA PRO C 15 21.00 -6.25 -7.36
C PRO C 15 20.19 -7.53 -7.60
N ASP C 16 20.63 -8.33 -8.57
CA ASP C 16 20.15 -9.70 -8.70
C ASP C 16 20.42 -10.38 -7.37
N GLY C 17 19.43 -11.11 -6.88
CA GLY C 17 19.58 -11.80 -5.59
C GLY C 17 18.97 -11.04 -4.42
N PHE C 18 18.59 -9.78 -4.63
CA PHE C 18 18.00 -8.96 -3.55
C PHE C 18 16.74 -9.60 -2.95
N LEU C 19 15.81 -10.02 -3.79
CA LEU C 19 14.58 -10.65 -3.26
C LEU C 19 14.89 -11.93 -2.48
N SER C 20 15.84 -12.72 -2.97
CA SER C 20 16.27 -13.93 -2.26
CA SER C 20 16.28 -13.93 -2.28
C SER C 20 16.94 -13.60 -0.94
N GLU C 21 17.76 -12.56 -0.94
CA GLU C 21 18.41 -12.12 0.28
C GLU C 21 17.38 -11.64 1.30
N LEU C 22 16.42 -10.81 0.86
CA LEU C 22 15.32 -10.41 1.74
C LEU C 22 14.55 -11.61 2.29
N THR C 23 14.27 -12.60 1.45
CA THR C 23 13.49 -13.76 1.88
C THR C 23 14.25 -14.50 2.98
N GLN C 24 15.53 -14.76 2.73
CA GLN C 24 16.37 -15.49 3.69
C GLN C 24 16.51 -14.70 5.01
N GLN C 25 16.83 -13.41 4.91
CA GLN C 25 17.04 -12.60 6.12
C GLN C 25 15.76 -12.45 6.95
N LEU C 26 14.62 -12.29 6.29
CA LEU C 26 13.34 -12.21 6.99
C LEU C 26 12.93 -13.54 7.63
N ALA C 27 13.26 -14.65 6.98
CA ALA C 27 12.98 -15.96 7.57
C ALA C 27 13.74 -16.08 8.90
N GLN C 28 15.02 -15.74 8.88
CA GLN C 28 15.86 -15.73 10.08
C GLN C 28 15.32 -14.78 11.15
N ALA C 29 14.97 -13.56 10.75
CA ALA C 29 14.56 -12.53 11.70
C ALA C 29 13.22 -12.81 12.35
N THR C 30 12.26 -13.31 11.56
CA THR C 30 10.92 -13.58 12.07
C THR C 30 10.78 -14.98 12.64
N GLY C 31 11.68 -15.87 12.25
CA GLY C 31 11.57 -17.28 12.64
C GLY C 31 10.54 -18.05 11.84
N LYS C 32 9.99 -17.44 10.79
CA LYS C 32 8.98 -18.12 9.99
C LYS C 32 9.67 -18.81 8.82
N PRO C 33 9.15 -19.98 8.41
CA PRO C 33 9.76 -20.67 7.27
C PRO C 33 9.73 -19.80 6.01
N PRO C 34 10.78 -19.87 5.18
CA PRO C 34 10.88 -19.05 3.96
C PRO C 34 9.75 -19.27 2.97
N GLN C 35 9.13 -20.44 3.02
CA GLN C 35 7.97 -20.77 2.20
C GLN C 35 6.78 -19.83 2.43
N TYR C 36 6.68 -19.26 3.63
CA TYR C 36 5.59 -18.34 3.98
C TYR C 36 5.84 -16.89 3.55
N ILE C 37 7.08 -16.57 3.21
CA ILE C 37 7.53 -15.18 3.09
C ILE C 37 7.29 -14.59 1.72
N ALA C 38 6.65 -13.42 1.68
CA ALA C 38 6.48 -12.71 0.42
C ALA C 38 7.29 -11.43 0.47
N VAL C 39 7.96 -11.12 -0.63
N VAL C 39 7.94 -11.12 -0.64
CA VAL C 39 8.76 -9.91 -0.75
CA VAL C 39 8.79 -9.93 -0.77
C VAL C 39 8.46 -9.22 -2.06
C VAL C 39 8.42 -9.22 -2.07
N HIS C 40 8.45 -7.89 -2.05
CA HIS C 40 7.99 -7.09 -3.18
C HIS C 40 8.82 -5.79 -3.22
N VAL C 41 9.50 -5.55 -4.33
CA VAL C 41 10.38 -4.38 -4.47
C VAL C 41 9.90 -3.56 -5.65
N VAL C 42 9.69 -2.26 -5.43
CA VAL C 42 9.12 -1.36 -6.42
C VAL C 42 10.07 -0.18 -6.63
N PRO C 43 10.94 -0.27 -7.66
CA PRO C 43 11.87 0.82 -7.96
C PRO C 43 11.28 1.90 -8.86
N ASP C 44 12.10 2.91 -9.16
CA ASP C 44 11.76 3.95 -10.10
C ASP C 44 10.55 4.79 -9.68
N GLN C 45 10.27 4.84 -8.40
CA GLN C 45 9.12 5.60 -7.91
C GLN C 45 9.35 7.12 -7.82
N LEU C 46 8.27 7.86 -8.08
N LEU C 46 8.26 7.85 -8.06
CA LEU C 46 8.24 9.31 -7.90
CA LEU C 46 8.23 9.29 -7.91
C LEU C 46 7.92 9.58 -6.44
C LEU C 46 7.91 9.60 -6.44
N MET C 47 8.95 9.88 -5.66
CA MET C 47 8.75 10.15 -4.24
C MET C 47 9.71 11.20 -3.72
N ALA C 48 9.35 11.74 -2.57
CA ALA C 48 10.23 12.65 -1.86
C ALA C 48 10.15 12.33 -0.39
N PHE C 49 11.24 12.63 0.32
CA PHE C 49 11.35 12.40 1.74
C PHE C 49 11.95 13.71 2.27
N GLY C 50 11.22 14.38 3.14
CA GLY C 50 11.67 15.67 3.66
C GLY C 50 11.85 16.72 2.59
N GLY C 51 11.04 16.66 1.53
CA GLY C 51 11.12 17.60 0.41
C GLY C 51 12.22 17.35 -0.61
N SER C 52 13.03 16.31 -0.36
CA SER C 52 14.18 15.99 -1.20
C SER C 52 13.95 14.71 -1.98
N SER C 53 14.45 14.67 -3.22
CA SER C 53 14.32 13.51 -4.09
C SER C 53 15.58 12.64 -4.11
N GLU C 54 16.46 12.80 -3.11
CA GLU C 54 17.58 11.89 -2.97
C GLU C 54 17.03 10.49 -2.63
N PRO C 55 17.85 9.43 -2.80
CA PRO C 55 17.34 8.08 -2.58
C PRO C 55 16.65 7.92 -1.24
N CYS C 56 15.48 7.28 -1.27
CA CYS C 56 14.69 7.06 -0.09
C CYS C 56 13.86 5.80 -0.31
N ALA C 57 13.22 5.32 0.76
CA ALA C 57 12.37 4.14 0.65
C ALA C 57 11.23 4.23 1.63
N LEU C 58 10.06 3.79 1.18
CA LEU C 58 8.89 3.62 2.03
C LEU C 58 8.54 2.14 1.99
N CYS C 59 8.52 1.52 3.16
CA CYS C 59 8.40 0.07 3.31
C CYS C 59 7.32 -0.34 4.26
N SER C 60 6.88 -1.60 4.18
N SER C 60 6.91 -1.60 4.17
CA SER C 60 5.97 -2.15 5.16
CA SER C 60 5.94 -2.19 5.09
C SER C 60 6.33 -3.59 5.44
C SER C 60 6.36 -3.61 5.44
N LEU C 61 6.14 -4.00 6.70
CA LEU C 61 6.27 -5.40 7.10
C LEU C 61 4.98 -5.80 7.81
N HIS C 62 4.22 -6.71 7.18
CA HIS C 62 3.03 -7.29 7.77
C HIS C 62 3.39 -8.67 8.28
N SER C 63 2.94 -9.01 9.49
CA SER C 63 3.24 -10.33 10.06
C SER C 63 2.12 -10.74 10.99
N ILE C 64 1.83 -12.04 11.04
CA ILE C 64 0.91 -12.55 12.06
C ILE C 64 1.78 -12.79 13.30
N GLY C 65 1.73 -11.84 14.23
CA GLY C 65 2.64 -11.85 15.39
C GLY C 65 4.07 -11.59 14.98
N LYS C 66 4.97 -11.73 15.95
CA LYS C 66 6.37 -11.37 15.80
C LYS C 66 6.53 -9.87 15.50
N ILE C 67 5.63 -9.07 16.05
CA ILE C 67 5.66 -7.62 15.93
C ILE C 67 5.58 -7.04 17.34
N GLY C 68 6.45 -6.08 17.64
CA GLY C 68 6.43 -5.43 18.93
C GLY C 68 7.60 -4.49 19.12
N GLY C 69 7.63 -3.82 20.26
CA GLY C 69 8.62 -2.80 20.54
C GLY C 69 10.04 -3.16 20.15
N ALA C 70 10.61 -4.14 20.85
CA ALA C 70 12.01 -4.49 20.66
C ALA C 70 12.23 -5.21 19.34
N GLN C 71 11.27 -6.02 18.92
CA GLN C 71 11.41 -6.75 17.65
C GLN C 71 11.44 -5.78 16.47
N ASN C 72 10.63 -4.72 16.54
CA ASN C 72 10.59 -3.74 15.44
C ASN C 72 11.90 -2.98 15.31
N ARG C 73 12.54 -2.68 16.46
CA ARG C 73 13.87 -2.08 16.42
C ARG C 73 14.86 -2.98 15.69
N SER C 74 14.84 -4.28 16.01
CA SER C 74 15.72 -5.24 15.37
CA SER C 74 15.71 -5.24 15.36
C SER C 74 15.46 -5.31 13.86
N TYR C 75 14.19 -5.41 13.48
CA TYR C 75 13.85 -5.42 12.05
C TYR C 75 14.34 -4.16 11.35
N SER C 76 14.21 -3.00 12.00
CA SER C 76 14.60 -1.74 11.34
C SER C 76 16.12 -1.68 11.10
N LYS C 77 16.90 -2.13 12.08
CA LYS C 77 18.35 -2.19 11.91
C LYS C 77 18.69 -3.12 10.74
N LEU C 78 18.06 -4.28 10.71
CA LEU C 78 18.27 -5.27 9.68
C LEU C 78 17.94 -4.72 8.31
N LEU C 79 16.73 -4.18 8.19
CA LEU C 79 16.22 -3.77 6.88
C LEU C 79 16.88 -2.48 6.39
N CYS C 80 17.10 -1.51 7.28
CA CYS C 80 17.85 -0.32 6.88
C CYS C 80 19.28 -0.68 6.47
N GLY C 81 19.89 -1.63 7.18
CA GLY C 81 21.22 -2.13 6.83
C GLY C 81 21.24 -2.65 5.40
N LEU C 82 20.27 -3.50 5.06
CA LEU C 82 20.16 -4.07 3.72
C LEU C 82 19.91 -3.00 2.67
N LEU C 83 19.04 -2.05 2.96
CA LEU C 83 18.74 -0.98 2.01
C LEU C 83 19.96 -0.07 1.80
N ALA C 84 20.73 0.16 2.86
CA ALA C 84 21.94 0.97 2.74
C ALA C 84 23.01 0.24 1.93
N GLU C 85 23.30 -1.02 2.29
CA GLU C 85 24.33 -1.78 1.59
C GLU C 85 23.95 -2.07 0.14
N ARG C 86 22.73 -2.54 -0.11
CA ARG C 86 22.35 -3.00 -1.47
C ARG C 86 21.81 -1.92 -2.40
N LEU C 87 21.06 -0.96 -1.86
CA LEU C 87 20.44 0.08 -2.68
C LEU C 87 21.04 1.48 -2.44
N ARG C 88 21.98 1.59 -1.50
CA ARG C 88 22.68 2.86 -1.23
C ARG C 88 21.74 3.93 -0.69
N ILE C 89 20.74 3.50 0.06
CA ILE C 89 19.77 4.42 0.67
C ILE C 89 20.15 4.66 2.11
N SER C 90 20.30 5.93 2.48
CA SER C 90 20.64 6.27 3.85
C SER C 90 19.50 5.87 4.78
N PRO C 91 19.82 5.27 5.95
CA PRO C 91 18.81 4.84 6.92
C PRO C 91 17.85 5.93 7.39
N ASP C 92 18.30 7.19 7.43
CA ASP C 92 17.41 8.28 7.85
C ASP C 92 16.51 8.79 6.73
N ARG C 93 16.50 8.09 5.59
CA ARG C 93 15.58 8.37 4.50
C ARG C 93 14.72 7.13 4.20
N VAL C 94 14.48 6.35 5.24
CA VAL C 94 13.66 5.13 5.16
C VAL C 94 12.59 5.18 6.25
N TYR C 95 11.33 4.95 5.86
CA TYR C 95 10.28 4.61 6.82
C TYR C 95 9.83 3.17 6.59
N ILE C 96 9.55 2.49 7.69
CA ILE C 96 9.00 1.13 7.63
C ILE C 96 7.77 1.08 8.51
N ASN C 97 6.62 0.76 7.93
CA ASN C 97 5.40 0.52 8.69
C ASN C 97 5.26 -0.94 9.08
N TYR C 98 5.11 -1.19 10.38
CA TYR C 98 4.94 -2.53 10.93
C TYR C 98 3.48 -2.77 11.27
N TYR C 99 2.94 -3.91 10.81
N TYR C 99 2.92 -3.87 10.80
CA TYR C 99 1.55 -4.27 11.06
CA TYR C 99 1.54 -4.20 11.14
C TYR C 99 1.47 -5.67 11.66
C TYR C 99 1.40 -5.64 11.62
N ASP C 100 0.93 -5.77 12.86
CA ASP C 100 0.65 -7.07 13.48
C ASP C 100 -0.76 -7.48 13.02
N MET C 101 -0.82 -8.47 12.13
CA MET C 101 -2.09 -8.87 11.54
C MET C 101 -2.78 -9.97 12.37
N ASN C 102 -4.09 -9.84 12.54
CA ASN C 102 -4.90 -10.93 13.07
C ASN C 102 -5.00 -12.02 11.99
N ALA C 103 -4.82 -13.27 12.39
CA ALA C 103 -4.85 -14.38 11.41
C ALA C 103 -6.17 -14.45 10.61
N ALA C 104 -7.26 -13.99 11.21
CA ALA C 104 -8.57 -13.93 10.53
C ALA C 104 -8.62 -12.91 9.39
N ASN C 105 -7.67 -11.97 9.41
CA ASN C 105 -7.59 -10.92 8.40
C ASN C 105 -6.49 -11.15 7.38
N VAL C 106 -5.91 -12.36 7.35
CA VAL C 106 -4.97 -12.73 6.32
C VAL C 106 -5.56 -13.87 5.50
N GLY C 107 -5.90 -13.54 4.25
CA GLY C 107 -6.40 -14.51 3.31
C GLY C 107 -5.27 -15.20 2.58
N TRP C 108 -5.44 -16.51 2.40
CA TRP C 108 -4.50 -17.32 1.64
C TRP C 108 -5.26 -18.56 1.17
N ASN C 109 -5.08 -18.93 -0.09
CA ASN C 109 -5.62 -20.19 -0.65
C ASN C 109 -7.01 -20.52 -0.15
N ASN C 110 -7.97 -19.68 -0.53
CA ASN C 110 -9.39 -19.94 -0.34
C ASN C 110 -9.88 -19.96 1.10
N SER C 111 -9.10 -19.40 2.03
CA SER C 111 -9.50 -19.31 3.40
C SER C 111 -8.73 -18.17 4.07
N THR C 112 -8.65 -18.22 5.40
CA THR C 112 -7.76 -17.34 6.15
C THR C 112 -6.89 -18.22 7.03
N PHE C 113 -6.02 -17.59 7.80
CA PHE C 113 -5.16 -18.33 8.71
C PHE C 113 -5.75 -18.54 10.10
N ALA C 114 -6.95 -18.03 10.35
CA ALA C 114 -7.63 -18.26 11.64
C ALA C 114 -7.98 -19.73 11.86
C2 6H1 D . 5.34 9.57 9.22
C3 6H1 D . 6.00 8.89 8.23
C4 6H1 D . 5.76 7.56 8.01
C1 6H1 D . 5.69 11.01 9.41
C5 6H1 D . 4.86 6.92 8.81
C6 6H1 D . 4.16 7.59 9.82
C8 6H1 D . 6.21 11.27 10.81
C7 6H1 D . 4.43 8.93 10.04
C9 6H1 D . 5.34 11.56 11.87
C10 6H1 D . 5.83 11.81 13.16
C11 6H1 D . 7.19 11.74 13.38
C12 6H1 D . 8.03 11.44 12.37
C13 6H1 D . 7.57 11.19 11.06
O14 6H1 D . 9.32 11.43 12.80
O15 6H1 D . 7.86 11.94 14.55
C16 6H1 D . 9.24 11.77 14.22
O17 6H1 D . 3.99 11.63 11.71
C18 6H1 D . 4.58 5.51 8.57
F19 6H1 D . 5.67 4.85 8.25
F20 6H1 D . 3.77 5.36 7.55
F21 6H1 D . 4.05 4.95 9.63
S SO4 E . 5.15 20.87 -16.26
O1 SO4 E . 5.78 22.20 -16.34
O2 SO4 E . 4.34 20.63 -17.47
O3 SO4 E . 4.24 20.87 -15.11
O4 SO4 E . 6.24 19.88 -16.17
S SO4 F . -10.25 15.23 16.06
O1 SO4 F . -11.73 15.19 15.90
O2 SO4 F . -9.57 15.03 14.76
O3 SO4 F . -9.87 16.59 16.53
O4 SO4 F . -9.84 14.19 17.02
S SO4 G . 8.20 17.82 -7.79
O1 SO4 G . 6.95 17.04 -7.96
O2 SO4 G . 8.44 18.53 -9.08
O3 SO4 G . 8.14 18.73 -6.63
O4 SO4 G . 9.35 16.93 -7.52
S SO4 H . -15.59 19.72 12.09
O1 SO4 H . -16.95 20.35 12.12
O2 SO4 H . -15.30 19.24 10.72
O3 SO4 H . -14.59 20.71 12.54
O4 SO4 H . -15.55 18.58 13.03
C1 IPA I . 1.66 6.39 21.84
C2 IPA I . 1.45 5.63 20.54
C3 IPA I . -0.03 5.69 20.15
O2 IPA I . 2.29 6.16 19.50
C1 IPA J . -3.64 15.76 18.12
C2 IPA J . -3.79 14.28 18.41
C3 IPA J . -4.94 13.72 17.57
O2 IPA J . -2.56 13.56 18.14
C2 6H1 K . -14.62 1.57 0.39
C3 6H1 K . -14.33 1.32 1.73
C4 6H1 K . -13.10 1.72 2.24
C1 6H1 K . -15.90 1.21 -0.25
C5 6H1 K . -12.19 2.35 1.41
C6 6H1 K . -12.48 2.60 0.08
C8 6H1 K . -17.09 1.83 0.44
C7 6H1 K . -13.69 2.20 -0.42
C9 6H1 K . -17.69 1.18 1.56
C10 6H1 K . -18.79 1.74 2.21
C11 6H1 K . -19.29 2.93 1.76
C12 6H1 K . -18.73 3.58 0.70
C13 6H1 K . -17.62 3.06 0.03
O14 6H1 K . -19.40 4.77 0.44
O15 6H1 K . -20.34 3.64 2.25
C16 6H1 K . -20.48 4.79 1.42
O17 6H1 K . -17.22 0.00 2.04
C18 6H1 K . -10.88 2.77 1.90
F19 6H1 K . -10.44 3.86 1.29
F20 6H1 K . -9.95 1.86 1.70
F21 6H1 K . -10.92 3.01 3.19
S SO4 L . -18.18 -12.53 10.49
O1 SO4 L . -19.63 -12.63 10.27
O2 SO4 L . -17.57 -12.24 9.17
O3 SO4 L . -17.92 -11.44 11.46
O4 SO4 L . -17.63 -13.80 11.04
S SO4 M . -17.56 -20.45 7.70
O1 SO4 M . -18.69 -20.03 6.84
O2 SO4 M . -17.22 -21.87 7.41
O3 SO4 M . -17.97 -20.34 9.11
O4 SO4 M . -16.41 -19.56 7.48
C1 GOL N . -22.45 -4.85 8.94
O1 GOL N . -22.25 -3.62 8.23
C2 GOL N . -21.24 -5.72 8.67
O2 GOL N . -20.09 -4.89 8.88
C3 GOL N . -21.10 -6.92 9.58
O3 GOL N . -19.74 -7.36 9.42
C1 GOL O . -7.03 -9.99 -23.31
O1 GOL O . -7.04 -10.88 -22.17
C2 GOL O . -8.21 -9.02 -23.28
O2 GOL O . -7.80 -7.80 -22.66
C3 GOL O . -8.60 -8.68 -24.72
O3 GOL O . -9.74 -7.80 -24.75
C2 6H1 P . 2.55 -13.11 6.06
C3 6H1 P . 2.28 -12.83 4.72
C4 6H1 P . 1.32 -11.90 4.39
C1 6H1 P . 3.58 -14.13 6.39
C5 6H1 P . 0.60 -11.23 5.37
C6 6H1 P . 0.86 -11.51 6.70
C8 6H1 P . 3.01 -15.23 7.23
C7 6H1 P . 1.82 -12.46 7.05
C9 6H1 P . 2.98 -15.18 8.63
C10 6H1 P . 2.44 -16.24 9.38
C11 6H1 P . 1.94 -17.34 8.69
C12 6H1 P . 1.96 -17.41 7.33
C13 6H1 P . 2.48 -16.35 6.58
O14 6H1 P . 1.42 -18.58 6.85
O15 6H1 P . 1.37 -18.48 9.18
C16 6H1 P . 0.93 -19.25 8.04
O17 6H1 P . 3.47 -14.08 9.29
C18 6H1 P . -0.41 -10.23 4.96
F19 6H1 P . -1.04 -10.54 3.85
F20 6H1 P . 0.11 -9.05 4.76
F21 6H1 P . -1.34 -10.06 5.89
S SO4 Q . 8.67 -7.05 21.91
O1 SO4 Q . 7.23 -7.27 22.15
O2 SO4 Q . 8.92 -7.09 20.45
O3 SO4 Q . 9.05 -5.73 22.48
O4 SO4 Q . 9.49 -8.10 22.53
C1 GOL R . 5.97 -12.45 19.66
O1 GOL R . 5.47 -11.12 19.56
C2 GOL R . 4.83 -13.44 19.47
O2 GOL R . 4.04 -13.05 18.34
C3 GOL R . 5.37 -14.86 19.24
O3 GOL R . 4.75 -15.43 18.07
#